data_2X9O
#
_entry.id   2X9O
#
_cell.length_a   42.420
_cell.length_b   39.350
_cell.length_c   71.270
_cell.angle_alpha   90.00
_cell.angle_beta   105.64
_cell.angle_gamma   90.00
#
_symmetry.space_group_name_H-M   'P 1 21 1'
#
loop_
_entity.id
_entity.type
_entity.pdbx_description
1 polymer '15,16-DIHYDROBILIVERDIN-FERREDOXIN OXIDOREDUCTASE'
2 non-polymer 'BILIVERDINE IX ALPHA'
3 water water
#
_entity_poly.entity_id   1
_entity_poly.type   'polypeptide(L)'
_entity_poly.pdbx_seq_one_letter_code
;GPLGSPEFIFDSFLNELHSDITKRGGSPLPLPEGLEECRSSKSSSVIQSWLWDVPGFRRWRVTRLDAGDSLQVFNSVAYP
DYNYDHPL(MSE)GVDLLWFGARQKLVAVLDFQPLVQDKDYLDRYFSGLKELNQRFPDLNGEET(MSE)RSFDPNQYFSS
WLLFCRGGAEQADLSLPKAFSAFLKAYWDLHDNAKSIPSTIPPEEVKNLQDKYDIYSAERDPAHGLFTSHFGKDWSNRFL
HEFLFPASSSHK
;
_entity_poly.pdbx_strand_id   A
#
# COMPACT_ATOMS: atom_id res chain seq x y z
N GLU A 7 13.77 9.71 -4.52
CA GLU A 7 14.56 8.50 -4.70
C GLU A 7 15.16 8.02 -3.39
N PHE A 8 15.83 8.93 -2.70
CA PHE A 8 16.42 8.60 -1.41
C PHE A 8 15.34 8.54 -0.35
N ILE A 9 14.37 9.44 -0.48
CA ILE A 9 13.22 9.44 0.42
C ILE A 9 12.48 8.11 0.33
N PHE A 10 12.21 7.67 -0.90
CA PHE A 10 11.51 6.41 -1.11
C PHE A 10 12.30 5.21 -0.61
N ASP A 11 13.62 5.24 -0.79
CA ASP A 11 14.44 4.19 -0.20
C ASP A 11 14.30 4.14 1.32
N SER A 12 14.22 5.31 1.96
CA SER A 12 14.18 5.35 3.41
C SER A 12 12.87 4.74 3.93
N PHE A 13 11.79 4.98 3.19
CA PHE A 13 10.50 4.34 3.51
C PHE A 13 10.60 2.82 3.41
N LEU A 14 11.15 2.33 2.30
CA LEU A 14 11.34 0.89 2.17
C LEU A 14 12.18 0.32 3.31
N ASN A 15 13.29 0.98 3.64
CA ASN A 15 14.12 0.39 4.67
C ASN A 15 13.54 0.49 6.08
N GLU A 16 12.80 1.54 6.34
CA GLU A 16 12.10 1.63 7.61
C GLU A 16 11.07 0.51 7.72
N LEU A 17 10.27 0.32 6.68
CA LEU A 17 9.26 -0.74 6.67
C LEU A 17 9.92 -2.10 6.81
N HIS A 18 10.96 -2.36 6.01
CA HIS A 18 11.65 -3.63 6.14
C HIS A 18 12.33 -3.83 7.49
N SER A 19 12.91 -2.77 8.04
N SER A 19 12.91 -2.77 8.05
CA SER A 19 13.53 -2.84 9.37
CA SER A 19 13.54 -2.88 9.37
C SER A 19 12.47 -3.12 10.42
C SER A 19 12.49 -3.06 10.47
N ASP A 20 11.33 -2.42 10.32
CA ASP A 20 10.22 -2.66 11.25
C ASP A 20 9.74 -4.08 11.16
N ILE A 21 9.54 -4.56 9.94
CA ILE A 21 9.10 -5.93 9.76
C ILE A 21 10.10 -6.90 10.39
N THR A 22 11.38 -6.64 10.20
CA THR A 22 12.40 -7.54 10.74
C THR A 22 12.43 -7.53 12.27
N LYS A 23 12.40 -6.33 12.85
CA LYS A 23 12.33 -6.17 14.30
C LYS A 23 11.16 -6.97 14.87
N ARG A 24 10.08 -7.06 14.09
CA ARG A 24 8.87 -7.74 14.56
C ARG A 24 8.84 -9.23 14.26
N GLY A 25 9.93 -9.79 13.75
CA GLY A 25 10.02 -11.23 13.55
C GLY A 25 9.57 -11.65 12.17
N GLY A 26 9.51 -10.70 11.26
CA GLY A 26 9.15 -10.98 9.87
C GLY A 26 10.28 -11.65 9.12
N SER A 27 9.93 -12.46 8.13
CA SER A 27 10.93 -13.14 7.31
C SER A 27 10.51 -13.10 5.84
N PRO A 28 11.50 -13.09 4.94
CA PRO A 28 11.20 -13.04 3.49
C PRO A 28 10.50 -14.28 2.95
N LEU A 29 9.66 -14.06 1.94
CA LEU A 29 9.02 -15.15 1.21
C LEU A 29 9.31 -15.01 -0.28
N PRO A 30 9.42 -16.15 -0.98
CA PRO A 30 9.68 -16.11 -2.42
C PRO A 30 8.49 -15.60 -3.23
N LEU A 31 8.78 -14.89 -4.31
CA LEU A 31 7.75 -14.44 -5.24
C LEU A 31 7.64 -15.41 -6.40
N PRO A 32 6.50 -15.39 -7.12
CA PRO A 32 6.44 -16.19 -8.36
C PRO A 32 7.60 -15.81 -9.26
N GLU A 33 8.21 -16.80 -9.92
CA GLU A 33 9.40 -16.51 -10.73
C GLU A 33 9.10 -15.49 -11.83
N GLY A 34 9.99 -14.52 -11.97
CA GLY A 34 9.82 -13.47 -12.97
C GLY A 34 9.15 -12.21 -12.46
N LEU A 35 8.50 -12.29 -11.31
CA LEU A 35 7.77 -11.16 -10.75
C LEU A 35 8.53 -10.36 -9.69
N GLU A 36 9.63 -10.95 -9.21
N GLU A 36 9.64 -10.93 -9.20
CA GLU A 36 10.44 -10.33 -8.16
CA GLU A 36 10.41 -10.27 -8.14
C GLU A 36 11.13 -9.07 -8.67
C GLU A 36 11.17 -9.07 -8.66
N GLU A 37 11.55 -9.11 -9.93
CA GLU A 37 12.25 -7.99 -10.53
C GLU A 37 11.99 -8.01 -12.03
N CYS A 38 11.69 -6.84 -12.58
CA CYS A 38 11.59 -6.70 -14.03
C CYS A 38 12.33 -5.44 -14.46
N ARG A 39 13.09 -5.54 -15.54
CA ARG A 39 13.86 -4.40 -16.04
C ARG A 39 13.36 -4.04 -17.42
N SER A 40 13.06 -2.75 -17.61
CA SER A 40 12.50 -2.27 -18.86
C SER A 40 13.52 -2.30 -19.98
N SER A 41 13.17 -2.96 -21.07
CA SER A 41 14.05 -3.07 -22.23
C SER A 41 14.18 -1.73 -22.94
N LYS A 42 13.46 -0.73 -22.45
CA LYS A 42 13.38 0.56 -23.12
C LYS A 42 13.61 1.74 -22.18
N SER A 43 13.00 1.67 -21.00
CA SER A 43 12.89 2.83 -20.11
C SER A 43 14.08 3.03 -19.18
N SER A 44 14.94 2.03 -19.03
CA SER A 44 15.93 2.05 -17.98
C SER A 44 15.19 2.12 -16.66
N SER A 45 14.10 1.35 -16.58
CA SER A 45 13.23 1.32 -15.42
C SER A 45 13.36 -0.04 -14.74
N VAL A 46 13.38 -0.05 -13.41
CA VAL A 46 13.52 -1.31 -12.71
C VAL A 46 12.49 -1.38 -11.62
N ILE A 47 11.73 -2.47 -11.61
CA ILE A 47 10.74 -2.68 -10.56
C ILE A 47 11.11 -3.89 -9.74
N GLN A 48 11.14 -3.73 -8.42
CA GLN A 48 11.51 -4.79 -7.51
C GLN A 48 10.39 -4.99 -6.52
N SER A 49 10.12 -6.23 -6.17
CA SER A 49 9.08 -6.53 -5.20
C SER A 49 9.51 -7.54 -4.16
N TRP A 50 8.79 -7.50 -3.04
CA TRP A 50 9.08 -8.36 -1.89
C TRP A 50 7.78 -8.92 -1.31
N LEU A 51 7.86 -10.11 -0.74
CA LEU A 51 6.81 -10.64 0.12
C LEU A 51 7.39 -10.97 1.50
N TRP A 52 6.61 -10.72 2.53
CA TRP A 52 7.05 -10.99 3.90
C TRP A 52 6.04 -11.84 4.65
N ASP A 53 6.57 -12.74 5.49
CA ASP A 53 5.77 -13.38 6.53
C ASP A 53 5.93 -12.57 7.81
N VAL A 54 4.94 -11.73 8.09
CA VAL A 54 4.96 -10.83 9.25
C VAL A 54 3.99 -11.40 10.28
N PRO A 55 4.42 -11.52 11.55
CA PRO A 55 3.46 -12.12 12.49
C PRO A 55 2.18 -11.30 12.57
N GLY A 56 1.03 -11.99 12.45
CA GLY A 56 -0.27 -11.34 12.53
C GLY A 56 -0.84 -11.00 11.16
N PHE A 57 -0.05 -11.23 10.13
CA PHE A 57 -0.44 -10.90 8.76
C PHE A 57 -0.31 -12.12 7.85
N ARG A 58 -1.32 -12.38 7.03
CA ARG A 58 -1.23 -13.53 6.13
C ARG A 58 -0.51 -13.22 4.83
N ARG A 59 -0.35 -11.93 4.53
CA ARG A 59 0.35 -11.51 3.32
C ARG A 59 0.82 -10.07 3.49
N TRP A 60 2.03 -9.76 3.02
CA TRP A 60 2.51 -8.38 3.08
C TRP A 60 3.44 -8.17 1.91
N ARG A 61 3.03 -7.30 0.99
CA ARG A 61 3.83 -7.07 -0.21
C ARG A 61 4.38 -5.65 -0.25
N VAL A 62 5.53 -5.51 -0.91
CA VAL A 62 6.21 -4.23 -1.04
C VAL A 62 6.76 -4.16 -2.46
N THR A 63 6.67 -2.99 -3.07
CA THR A 63 7.16 -2.79 -4.42
C THR A 63 7.87 -1.45 -4.52
N ARG A 64 9.00 -1.44 -5.21
CA ARG A 64 9.81 -0.23 -5.39
C ARG A 64 10.15 -0.15 -6.87
N LEU A 65 9.73 0.93 -7.51
CA LEU A 65 10.06 1.14 -8.91
C LEU A 65 11.01 2.33 -9.03
N ASP A 66 12.14 2.07 -9.68
CA ASP A 66 13.19 3.06 -9.90
C ASP A 66 13.30 3.29 -11.41
N ALA A 67 12.79 4.41 -11.88
CA ALA A 67 12.88 4.76 -13.30
C ALA A 67 13.47 6.15 -13.42
N GLY A 68 14.47 6.42 -12.60
CA GLY A 68 15.13 7.71 -12.60
C GLY A 68 14.22 8.91 -12.38
N ASP A 69 14.43 9.96 -13.17
CA ASP A 69 13.68 11.19 -13.06
C ASP A 69 12.32 11.08 -13.73
N SER A 70 12.08 9.96 -14.38
CA SER A 70 10.78 9.71 -15.01
C SER A 70 9.78 9.28 -13.95
N LEU A 71 10.19 8.35 -13.10
CA LEU A 71 9.29 7.82 -12.09
C LEU A 71 10.00 7.20 -10.89
N GLN A 72 9.46 7.46 -9.71
CA GLN A 72 9.80 6.68 -8.52
C GLN A 72 8.49 6.22 -7.90
N VAL A 73 8.46 4.96 -7.48
CA VAL A 73 7.29 4.39 -6.83
C VAL A 73 7.68 3.67 -5.56
N PHE A 74 6.85 3.82 -4.53
CA PHE A 74 6.93 2.95 -3.38
C PHE A 74 5.50 2.56 -3.04
N ASN A 75 5.27 1.26 -2.94
CA ASN A 75 3.91 0.77 -2.75
C ASN A 75 3.93 -0.42 -1.82
N SER A 76 2.95 -0.51 -0.93
CA SER A 76 2.88 -1.66 -0.03
C SER A 76 1.45 -1.89 0.42
N VAL A 77 1.10 -3.17 0.57
CA VAL A 77 -0.19 -3.55 1.14
C VAL A 77 0.02 -4.66 2.16
N ALA A 78 -0.61 -4.49 3.32
CA ALA A 78 -0.59 -5.48 4.40
C ALA A 78 -1.97 -6.10 4.54
N TYR A 79 -2.02 -7.43 4.50
CA TYR A 79 -3.24 -8.21 4.70
C TYR A 79 -3.20 -8.94 6.03
N PRO A 80 -3.99 -8.47 7.01
CA PRO A 80 -4.00 -9.15 8.32
C PRO A 80 -4.45 -10.60 8.22
N ASP A 81 -3.99 -11.42 9.16
CA ASP A 81 -4.49 -12.78 9.25
C ASP A 81 -6.02 -12.70 9.39
N TYR A 82 -6.70 -13.74 8.94
CA TYR A 82 -8.17 -13.69 8.85
C TYR A 82 -8.85 -13.56 10.20
N ASN A 83 -8.15 -13.89 11.29
CA ASN A 83 -8.72 -13.72 12.61
C ASN A 83 -8.73 -12.27 13.09
N TYR A 84 -8.13 -11.40 12.30
CA TYR A 84 -8.19 -9.97 12.54
C TYR A 84 -9.04 -9.37 11.44
N ASP A 85 -10.10 -8.64 11.80
CA ASP A 85 -10.89 -7.96 10.76
C ASP A 85 -10.46 -6.51 10.53
N HIS A 86 -9.32 -6.12 11.07
CA HIS A 86 -8.92 -4.72 11.03
C HIS A 86 -8.47 -4.31 9.64
N PRO A 87 -8.40 -2.99 9.41
CA PRO A 87 -8.10 -2.57 8.04
C PRO A 87 -6.76 -3.07 7.50
N LEU A 88 -6.69 -3.18 6.19
CA LEU A 88 -5.43 -3.38 5.50
C LEU A 88 -4.62 -2.09 5.58
N GLY A 90 -2.58 0.35 3.19
CA GLY A 90 -2.35 0.61 1.77
C GLY A 90 -1.50 1.84 1.59
N VAL A 91 -0.40 1.70 0.86
CA VAL A 91 0.52 2.81 0.60
C VAL A 91 0.80 2.82 -0.90
N ASP A 92 0.56 3.96 -1.56
CA ASP A 92 0.83 4.08 -2.99
C ASP A 92 1.43 5.47 -3.21
N LEU A 93 2.75 5.52 -3.39
CA LEU A 93 3.47 6.78 -3.51
C LEU A 93 4.14 6.84 -4.87
N LEU A 94 3.86 7.91 -5.61
CA LEU A 94 4.47 8.10 -6.93
C LEU A 94 5.10 9.47 -7.04
N TRP A 95 6.30 9.51 -7.63
CA TRP A 95 6.92 10.78 -7.96
C TRP A 95 7.27 10.79 -9.45
N PHE A 96 6.72 11.76 -10.18
CA PHE A 96 6.99 11.93 -11.61
C PHE A 96 7.93 13.12 -11.79
N GLY A 97 9.20 12.82 -12.03
CA GLY A 97 10.21 13.88 -12.06
C GLY A 97 10.01 14.92 -13.14
N ALA A 98 9.51 14.52 -14.30
CA ALA A 98 9.38 15.44 -15.43
C ALA A 98 8.39 16.56 -15.09
N ARG A 99 7.38 16.22 -14.30
CA ARG A 99 6.32 17.18 -13.99
C ARG A 99 6.40 17.65 -12.53
N GLN A 100 7.44 17.21 -11.82
CA GLN A 100 7.65 17.54 -10.41
C GLN A 100 6.35 17.26 -9.67
N LYS A 101 5.77 16.09 -9.93
CA LYS A 101 4.43 15.80 -9.47
C LYS A 101 4.45 14.64 -8.48
N LEU A 102 3.87 14.89 -7.31
CA LEU A 102 3.69 13.83 -6.32
C LEU A 102 2.25 13.33 -6.32
N VAL A 103 2.08 12.01 -6.33
CA VAL A 103 0.79 11.42 -6.00
C VAL A 103 1.03 10.52 -4.78
N ALA A 104 0.44 10.88 -3.65
CA ALA A 104 0.72 10.12 -2.43
C ALA A 104 -0.59 9.71 -1.81
N VAL A 105 -0.75 8.41 -1.61
CA VAL A 105 -1.98 7.91 -0.99
C VAL A 105 -1.61 6.95 0.11
N LEU A 106 -2.10 7.23 1.32
CA LEU A 106 -1.83 6.37 2.47
C LEU A 106 -3.15 6.20 3.18
N ASP A 107 -3.56 4.95 3.38
CA ASP A 107 -4.83 4.69 4.06
C ASP A 107 -4.78 3.42 4.85
N PHE A 108 -5.65 3.35 5.84
CA PHE A 108 -5.98 2.09 6.47
C PHE A 108 -7.28 1.68 5.78
N GLN A 109 -7.16 0.78 4.82
CA GLN A 109 -8.28 0.46 3.95
C GLN A 109 -9.27 -0.46 4.68
N PRO A 110 -10.49 0.06 4.95
CA PRO A 110 -11.45 -0.66 5.80
C PRO A 110 -12.21 -1.76 5.05
N LEU A 111 -12.43 -2.89 5.73
CA LEU A 111 -13.19 -3.99 5.11
C LEU A 111 -14.66 -3.66 4.96
N VAL A 112 -15.16 -2.78 5.83
CA VAL A 112 -16.54 -2.31 5.82
C VAL A 112 -16.61 -0.83 6.19
N GLN A 113 -17.75 -0.19 5.93
CA GLN A 113 -17.90 1.21 6.26
C GLN A 113 -18.79 1.43 7.49
N ASP A 114 -19.13 0.35 8.18
CA ASP A 114 -19.95 0.44 9.38
C ASP A 114 -19.39 1.45 10.39
N LYS A 115 -20.26 2.28 10.94
CA LYS A 115 -19.87 3.26 11.94
C LYS A 115 -19.05 2.66 13.09
N ASP A 116 -19.47 1.51 13.62
CA ASP A 116 -18.77 0.95 14.76
C ASP A 116 -17.35 0.52 14.40
N TYR A 117 -17.21 0.02 13.18
CA TYR A 117 -15.91 -0.42 12.69
C TYR A 117 -14.97 0.77 12.51
N LEU A 118 -15.49 1.85 11.89
CA LEU A 118 -14.70 3.06 11.73
C LEU A 118 -14.32 3.67 13.09
N ASP A 119 -15.27 3.72 14.02
CA ASP A 119 -14.99 4.18 15.38
C ASP A 119 -13.91 3.35 16.05
N ARG A 120 -13.96 2.04 15.85
CA ARG A 120 -13.02 1.14 16.50
C ARG A 120 -11.58 1.34 16.04
N TYR A 121 -11.38 1.58 14.75
CA TYR A 121 -10.05 1.44 14.18
C TYR A 121 -9.34 2.73 13.77
N PHE A 122 -10.07 3.84 13.71
CA PHE A 122 -9.53 5.01 13.00
C PHE A 122 -9.05 6.22 13.81
N SER A 123 -8.94 6.06 15.13
CA SER A 123 -8.52 7.17 15.98
C SER A 123 -7.13 7.67 15.60
N GLY A 124 -6.23 6.75 15.31
CA GLY A 124 -4.86 7.09 14.91
C GLY A 124 -4.80 7.80 13.58
N LEU A 125 -5.53 7.27 12.59
CA LEU A 125 -5.51 7.88 11.26
C LEU A 125 -6.17 9.26 11.27
N LYS A 126 -7.26 9.40 12.02
CA LYS A 126 -7.89 10.70 12.19
C LYS A 126 -6.86 11.70 12.71
N GLU A 127 -6.07 11.29 13.69
CA GLU A 127 -5.06 12.16 14.29
C GLU A 127 -3.95 12.48 13.28
N LEU A 128 -3.51 11.47 12.53
CA LEU A 128 -2.50 11.70 11.51
C LEU A 128 -3.00 12.71 10.46
N ASN A 129 -4.25 12.52 10.04
CA ASN A 129 -4.88 13.38 9.06
C ASN A 129 -4.86 14.83 9.52
N GLN A 130 -5.10 15.05 10.81
CA GLN A 130 -5.05 16.39 11.37
C GLN A 130 -3.63 16.94 11.45
N ARG A 131 -2.66 16.06 11.73
CA ARG A 131 -1.27 16.48 11.91
C ARG A 131 -0.58 16.88 10.60
N PHE A 132 -1.01 16.28 9.50
CA PHE A 132 -0.32 16.50 8.21
C PHE A 132 -1.28 17.00 7.15
N PRO A 133 -1.87 18.18 7.39
CA PRO A 133 -2.92 18.71 6.51
C PRO A 133 -2.44 19.06 5.11
N ASP A 134 -1.14 19.22 4.91
CA ASP A 134 -0.65 19.54 3.58
C ASP A 134 -0.65 18.31 2.68
N LEU A 135 -0.94 17.15 3.27
CA LEU A 135 -1.00 15.89 2.53
C LEU A 135 -2.45 15.43 2.39
N GLU A 138 -8.77 16.69 0.11
CA GLU A 138 -9.37 17.59 -0.86
C GLU A 138 -9.41 16.97 -2.26
N GLU A 139 -8.51 16.03 -2.50
CA GLU A 139 -8.40 15.40 -3.81
C GLU A 139 -9.59 14.51 -4.13
N THR A 140 -10.01 14.51 -5.39
CA THR A 140 -11.07 13.61 -5.84
C THR A 140 -10.48 12.44 -6.61
N ARG A 142 -10.56 9.46 -9.49
CA ARG A 142 -11.08 9.31 -10.85
C ARG A 142 -11.30 7.87 -11.30
N SER A 143 -10.82 6.92 -10.48
CA SER A 143 -10.90 5.48 -10.76
C SER A 143 -11.56 4.74 -9.61
N PHE A 144 -11.04 4.95 -8.41
CA PHE A 144 -11.58 4.28 -7.23
C PHE A 144 -12.84 4.99 -6.72
N ASP A 145 -13.58 4.27 -5.88
CA ASP A 145 -14.75 4.80 -5.20
C ASP A 145 -14.31 5.11 -3.78
N PRO A 146 -14.44 6.38 -3.34
CA PRO A 146 -13.93 6.73 -2.01
C PRO A 146 -14.66 6.02 -0.86
N ASN A 147 -15.81 5.44 -1.15
CA ASN A 147 -16.59 4.77 -0.12
C ASN A 147 -16.48 3.25 -0.19
N GLN A 148 -15.60 2.75 -1.05
CA GLN A 148 -15.37 1.31 -1.10
C GLN A 148 -13.89 1.05 -0.89
N TYR A 149 -13.56 0.47 0.26
CA TYR A 149 -12.19 0.08 0.60
C TYR A 149 -11.24 1.27 0.79
N PHE A 150 -11.80 2.45 1.06
CA PHE A 150 -11.04 3.61 1.54
C PHE A 150 -11.78 4.23 2.70
N SER A 151 -11.03 4.87 3.59
CA SER A 151 -11.62 5.57 4.71
C SER A 151 -11.69 7.05 4.41
N SER A 152 -12.42 7.77 5.27
CA SER A 152 -12.55 9.22 5.17
C SER A 152 -11.31 9.99 5.60
N TRP A 153 -10.35 9.29 6.23
CA TRP A 153 -9.20 9.94 6.84
C TRP A 153 -7.87 9.62 6.15
N LEU A 154 -7.96 9.01 4.98
CA LEU A 154 -6.76 8.75 4.16
C LEU A 154 -5.99 10.03 3.94
N LEU A 155 -4.68 9.89 3.74
CA LEU A 155 -3.88 10.99 3.23
C LEU A 155 -3.88 10.81 1.72
N PHE A 156 -4.39 11.79 0.98
CA PHE A 156 -4.45 11.70 -0.48
C PHE A 156 -4.01 13.04 -1.03
N CYS A 157 -2.82 13.05 -1.62
CA CYS A 157 -2.22 14.30 -2.06
C CYS A 157 -1.82 14.17 -3.52
N ARG A 158 -2.30 15.10 -4.34
CA ARG A 158 -1.70 15.34 -5.64
C ARG A 158 -1.01 16.68 -5.51
N GLY A 159 0.32 16.65 -5.41
CA GLY A 159 1.07 17.86 -5.10
C GLY A 159 2.42 17.89 -5.79
N GLY A 160 3.39 18.50 -5.11
CA GLY A 160 4.70 18.71 -5.70
C GLY A 160 5.86 18.50 -4.77
N ALA A 161 6.99 19.16 -5.07
CA ALA A 161 8.22 18.90 -4.33
C ALA A 161 8.11 19.26 -2.85
N GLU A 162 7.37 20.33 -2.54
CA GLU A 162 7.29 20.77 -1.14
C GLU A 162 6.66 19.67 -0.30
N GLN A 163 5.56 19.10 -0.79
CA GLN A 163 4.86 18.03 -0.09
C GLN A 163 5.72 16.78 0.03
N ALA A 164 6.38 16.43 -1.07
CA ALA A 164 7.24 15.26 -1.11
C ALA A 164 8.41 15.38 -0.14
N ASP A 165 8.95 16.58 0.01
CA ASP A 165 10.19 16.74 0.74
C ASP A 165 9.97 17.10 2.20
N LEU A 166 8.91 17.87 2.47
CA LEU A 166 8.73 18.49 3.78
C LEU A 166 7.76 17.73 4.67
N SER A 167 6.70 17.18 4.08
CA SER A 167 5.64 16.56 4.85
C SER A 167 5.63 15.04 4.75
N LEU A 168 5.81 14.52 3.54
CA LEU A 168 5.71 13.07 3.32
C LEU A 168 6.62 12.20 4.20
N PRO A 169 7.89 12.59 4.40
CA PRO A 169 8.77 11.73 5.19
C PRO A 169 8.30 11.46 6.62
N LYS A 170 7.98 12.52 7.37
CA LYS A 170 7.49 12.34 8.73
C LYS A 170 6.11 11.69 8.73
N ALA A 171 5.29 12.02 7.74
CA ALA A 171 3.94 11.46 7.67
C ALA A 171 3.98 9.96 7.42
N PHE A 172 4.87 9.51 6.52
CA PHE A 172 4.99 8.08 6.31
C PHE A 172 5.34 7.35 7.60
N SER A 173 6.39 7.80 8.28
CA SER A 173 6.80 7.19 9.54
C SER A 173 5.69 7.16 10.57
N ALA A 174 4.97 8.27 10.69
CA ALA A 174 3.85 8.36 11.63
C ALA A 174 2.74 7.39 11.24
N PHE A 175 2.42 7.37 9.95
CA PHE A 175 1.40 6.47 9.40
C PHE A 175 1.76 5.01 9.70
N LEU A 176 3.01 4.63 9.43
CA LEU A 176 3.47 3.27 9.67
C LEU A 176 3.35 2.91 11.17
N LYS A 177 3.83 3.79 12.04
CA LYS A 177 3.75 3.56 13.47
C LYS A 177 2.29 3.40 13.91
N ALA A 178 1.41 4.22 13.34
CA ALA A 178 -0.02 4.16 13.68
C ALA A 178 -0.61 2.85 13.19
N TYR A 179 -0.12 2.34 12.06
CA TYR A 179 -0.62 1.03 11.60
C TYR A 179 -0.18 -0.10 12.54
N TRP A 180 1.09 -0.12 12.93
CA TRP A 180 1.52 -1.13 13.90
C TRP A 180 0.71 -1.02 15.19
N ASP A 181 0.46 0.22 15.64
CA ASP A 181 -0.30 0.44 16.88
C ASP A 181 -1.71 -0.13 16.74
N LEU A 182 -2.32 0.15 15.60
CA LEU A 182 -3.63 -0.40 15.25
C LEU A 182 -3.63 -1.92 15.38
N HIS A 183 -2.67 -2.58 14.73
CA HIS A 183 -2.59 -4.03 14.81
C HIS A 183 -2.35 -4.50 16.23
N ASP A 184 -1.41 -3.87 16.93
CA ASP A 184 -1.10 -4.34 18.28
C ASP A 184 -2.29 -4.15 19.22
N ASN A 185 -3.06 -3.08 19.02
CA ASN A 185 -4.23 -2.84 19.86
C ASN A 185 -5.36 -3.83 19.56
N ALA A 186 -5.28 -4.49 18.40
CA ALA A 186 -6.29 -5.47 18.00
C ALA A 186 -5.98 -6.87 18.51
N LYS A 187 -4.77 -7.10 18.98
CA LYS A 187 -4.41 -8.42 19.48
C LYS A 187 -5.34 -8.83 20.60
N SER A 188 -5.87 -10.05 20.52
CA SER A 188 -6.75 -10.61 21.53
C SER A 188 -8.09 -9.89 21.72
N ILE A 189 -8.42 -8.95 20.83
CA ILE A 189 -9.70 -8.26 20.92
C ILE A 189 -10.66 -8.96 19.95
N PRO A 190 -11.88 -9.27 20.39
CA PRO A 190 -12.80 -9.96 19.47
C PRO A 190 -13.02 -9.23 18.15
N SER A 191 -12.93 -9.99 17.06
CA SER A 191 -13.26 -9.47 15.74
C SER A 191 -14.77 -9.51 15.64
N THR A 192 -15.36 -8.52 14.98
CA THR A 192 -16.80 -8.57 14.77
C THR A 192 -17.13 -9.32 13.46
N ILE A 193 -16.18 -9.37 12.54
CA ILE A 193 -16.34 -10.12 11.31
C ILE A 193 -15.51 -11.39 11.42
N PRO A 194 -16.15 -12.55 11.25
CA PRO A 194 -15.39 -13.79 11.47
C PRO A 194 -14.47 -14.15 10.33
N PRO A 195 -13.53 -15.09 10.54
CA PRO A 195 -12.49 -15.39 9.55
C PRO A 195 -12.96 -15.69 8.12
N GLU A 196 -14.05 -16.44 7.96
CA GLU A 196 -14.55 -16.79 6.63
C GLU A 196 -14.95 -15.53 5.85
N GLU A 197 -15.53 -14.58 6.56
CA GLU A 197 -16.00 -13.37 5.90
C GLU A 197 -14.85 -12.35 5.79
N VAL A 198 -13.90 -12.34 6.73
CA VAL A 198 -12.69 -11.52 6.52
C VAL A 198 -12.00 -11.94 5.22
N LYS A 199 -11.92 -13.25 4.97
CA LYS A 199 -11.32 -13.75 3.75
C LYS A 199 -12.10 -13.30 2.52
N ASN A 200 -13.41 -13.48 2.55
CA ASN A 200 -14.24 -12.99 1.45
C ASN A 200 -14.00 -11.50 1.18
N LEU A 201 -13.94 -10.72 2.24
CA LEU A 201 -13.82 -9.26 2.08
C LEU A 201 -12.42 -8.84 1.60
N GLN A 202 -11.38 -9.51 2.10
CA GLN A 202 -10.03 -9.27 1.60
C GLN A 202 -9.91 -9.67 0.14
N ASP A 203 -10.50 -10.81 -0.22
CA ASP A 203 -10.42 -11.23 -1.62
C ASP A 203 -11.21 -10.27 -2.50
N LYS A 204 -12.33 -9.76 -1.98
CA LYS A 204 -13.09 -8.80 -2.75
C LYS A 204 -12.39 -7.43 -2.84
N TYR A 205 -11.50 -7.15 -1.89
CA TYR A 205 -10.59 -6.00 -2.00
C TYR A 205 -9.70 -6.14 -3.24
N ASP A 206 -9.12 -7.33 -3.43
CA ASP A 206 -8.27 -7.60 -4.60
C ASP A 206 -9.10 -7.45 -5.85
N ILE A 207 -10.30 -8.00 -5.82
CA ILE A 207 -11.16 -7.97 -7.00
C ILE A 207 -11.51 -6.53 -7.38
N TYR A 208 -11.95 -5.76 -6.39
CA TYR A 208 -12.27 -4.35 -6.58
C TYR A 208 -11.06 -3.56 -7.08
N SER A 209 -9.94 -3.72 -6.40
CA SER A 209 -8.75 -2.95 -6.76
C SER A 209 -8.23 -3.27 -8.15
N ALA A 210 -8.26 -4.54 -8.54
CA ALA A 210 -7.88 -4.91 -9.89
C ALA A 210 -8.85 -4.32 -10.92
N GLU A 211 -10.14 -4.32 -10.60
CA GLU A 211 -11.16 -3.72 -11.48
C GLU A 211 -10.90 -2.24 -11.75
N ARG A 212 -10.54 -1.50 -10.69
CA ARG A 212 -10.33 -0.04 -10.75
C ARG A 212 -8.90 0.37 -11.07
N ASP A 213 -8.02 -0.63 -11.22
CA ASP A 213 -6.59 -0.42 -11.48
C ASP A 213 -6.28 0.81 -12.33
N PRO A 214 -5.65 1.83 -11.73
CA PRO A 214 -5.25 3.00 -12.51
C PRO A 214 -3.83 2.86 -13.07
N ALA A 215 -3.15 1.75 -12.83
CA ALA A 215 -1.72 1.65 -13.13
C ALA A 215 -1.36 0.82 -14.37
N HIS A 216 -2.33 0.12 -14.94
CA HIS A 216 -2.04 -0.77 -16.08
C HIS A 216 -1.31 -0.06 -17.21
N GLY A 217 -1.67 1.18 -17.47
CA GLY A 217 -1.03 1.96 -18.52
C GLY A 217 0.45 2.18 -18.24
N LEU A 218 0.76 2.57 -17.00
CA LEU A 218 2.13 2.80 -16.59
C LEU A 218 2.94 1.51 -16.63
N PHE A 219 2.37 0.43 -16.08
CA PHE A 219 3.03 -0.86 -16.11
C PHE A 219 3.30 -1.33 -17.52
N THR A 220 2.26 -1.27 -18.37
CA THR A 220 2.40 -1.76 -19.75
C THR A 220 3.48 -0.99 -20.50
N SER A 221 3.53 0.32 -20.29
CA SER A 221 4.52 1.17 -20.94
C SER A 221 5.94 0.73 -20.61
N HIS A 222 6.20 0.52 -19.33
CA HIS A 222 7.54 0.14 -18.86
C HIS A 222 7.89 -1.32 -19.12
N PHE A 223 6.93 -2.22 -18.90
CA PHE A 223 7.25 -3.65 -18.80
C PHE A 223 6.50 -4.58 -19.76
N GLY A 224 5.58 -4.03 -20.53
CA GLY A 224 4.83 -4.83 -21.48
C GLY A 224 3.53 -5.38 -20.92
N LYS A 225 2.59 -5.65 -21.82
CA LYS A 225 1.26 -6.11 -21.45
C LYS A 225 1.25 -7.41 -20.66
N ASP A 226 2.02 -8.40 -21.10
CA ASP A 226 1.97 -9.72 -20.48
C ASP A 226 2.48 -9.71 -19.05
N TRP A 227 3.66 -9.13 -18.85
CA TRP A 227 4.21 -9.04 -17.49
C TRP A 227 3.28 -8.23 -16.59
N SER A 228 2.82 -7.10 -17.09
CA SER A 228 1.91 -6.25 -16.31
C SER A 228 0.69 -7.01 -15.80
N ASN A 229 0.11 -7.84 -16.66
CA ASN A 229 -1.08 -8.61 -16.30
C ASN A 229 -0.80 -9.70 -15.27
N ARG A 230 0.33 -10.40 -15.45
CA ARG A 230 0.79 -11.36 -14.46
C ARG A 230 0.97 -10.65 -13.13
N PHE A 231 1.69 -9.54 -13.15
CA PHE A 231 1.98 -8.80 -11.93
C PHE A 231 0.68 -8.40 -11.21
N LEU A 232 -0.26 -7.83 -11.96
CA LEU A 232 -1.54 -7.41 -11.41
C LEU A 232 -2.32 -8.55 -10.77
N HIS A 233 -2.44 -9.66 -11.48
CA HIS A 233 -3.34 -10.72 -11.04
C HIS A 233 -2.68 -11.81 -10.19
N GLU A 234 -1.36 -11.96 -10.28
CA GLU A 234 -0.67 -12.98 -9.47
C GLU A 234 0.00 -12.40 -8.22
N PHE A 235 0.38 -11.13 -8.26
CA PHE A 235 1.11 -10.55 -7.14
C PHE A 235 0.32 -9.42 -6.46
N LEU A 236 -0.10 -8.43 -7.24
CA LEU A 236 -0.77 -7.27 -6.63
C LEU A 236 -2.11 -7.64 -6.01
N PHE A 237 -2.94 -8.31 -6.80
CA PHE A 237 -4.31 -8.56 -6.40
C PHE A 237 -4.63 -10.01 -6.74
N PRO A 238 -4.02 -10.94 -5.98
CA PRO A 238 -4.05 -12.36 -6.32
C PRO A 238 -5.44 -13.01 -6.33
N ALA A 239 -6.41 -12.45 -5.62
CA ALA A 239 -7.76 -13.01 -5.66
C ALA A 239 -8.52 -12.54 -6.90
N SER A 240 -7.94 -11.64 -7.67
CA SER A 240 -8.54 -11.17 -8.93
C SER A 240 -8.10 -12.07 -10.09
N SER A 241 -8.91 -12.08 -11.14
CA SER A 241 -8.56 -12.80 -12.36
C SER A 241 -8.69 -11.88 -13.57
#